data_6MJG
#
_entry.id   6MJG
#
_cell.length_a   106.408
_cell.length_b   107.975
_cell.length_c   79.340
_cell.angle_alpha   90.00
_cell.angle_beta   90.00
_cell.angle_gamma   90.00
#
_symmetry.space_group_name_H-M   'C 2 2 21'
#
loop_
_entity.id
_entity.type
_entity.pdbx_description
1 polymer 'fusion protein of dbOphMA and methylated peptide'
2 non-polymer S-ADENOSYL-L-HOMOCYSTEINE
3 non-polymer 'ZINC ION'
4 water water
#
_entity_poly.entity_id   1
_entity_poly.type   'polypeptide(L)'
_entity_poly.pdbx_seq_one_letter_code
;SNAMESSTQTKPGSLIVVGTGIESIGQMTLQALSYIEAASKVFYCVIDPATEAFILTKNKNCVDLYQYYDNGKSRMDTYT
QMAELMLKEVRNGLDVVGVFYGHPGVFVNPSHRALAIARSEGYQARMLPGVSAEDCLFADLCIDPSNPGCLTYEASDFLI
RERPVNVHSHLILFQVGCVGIADFNFSGFDNSKFTILVDRLEQEYGPDHTVVHYIAAMMPHQDPVTDKFTIGQLREPEIA
KRVGGVSTFYIPPKARKDINTDIIRLLEFLPAGKVPDKHTQIYPPNQWEPDVPTLPPYGQNEQAAITRLEAHAPPEEYQP
LATSKAMTDVMTKLALDPKALAEYKADHRAFAQSVPDLTPQERAALELGDSWAIRCAMKNMPSSLLEAASQSVEEASMNG
FPWVIVTGIVG(MVA)(IML)(SAR)S(MVA)VSSA
;
_entity_poly.pdbx_strand_id   A
#
# COMPACT_ATOMS: atom_id res chain seq x y z
N GLY A 13 22.70 14.55 -10.46
CA GLY A 13 21.52 13.66 -10.78
C GLY A 13 20.76 13.12 -9.58
N SER A 14 19.56 12.60 -9.81
CA SER A 14 18.70 12.02 -8.73
C SER A 14 17.71 10.97 -9.24
N LEU A 15 17.23 10.09 -8.34
CA LEU A 15 16.19 9.09 -8.66
C LEU A 15 15.04 9.12 -7.67
N ILE A 16 13.84 9.36 -8.18
CA ILE A 16 12.62 9.22 -7.41
C ILE A 16 11.87 8.07 -8.04
N VAL A 17 11.44 7.13 -7.21
CA VAL A 17 10.60 6.04 -7.67
C VAL A 17 9.21 6.16 -7.05
N VAL A 18 8.20 6.19 -7.92
CA VAL A 18 6.80 6.34 -7.52
C VAL A 18 5.96 5.18 -8.04
N GLY A 19 4.75 5.05 -7.47
CA GLY A 19 3.75 4.07 -7.90
C GLY A 19 2.55 4.68 -8.61
N THR A 20 1.67 3.82 -9.16
CA THR A 20 0.42 4.31 -9.75
C THR A 20 -0.82 3.72 -9.10
N GLY A 21 -0.62 2.82 -8.14
CA GLY A 21 -1.72 2.01 -7.64
C GLY A 21 -2.13 0.95 -8.66
N ILE A 22 -3.25 0.30 -8.39
CA ILE A 22 -3.70 -0.85 -9.16
C ILE A 22 -4.80 -0.49 -10.16
N GLU A 23 -5.89 0.12 -9.67
CA GLU A 23 -6.98 0.53 -10.54
C GLU A 23 -6.54 1.77 -11.33
N SER A 24 -6.84 1.77 -12.63
CA SER A 24 -6.29 2.76 -13.56
C SER A 24 -6.54 4.20 -13.18
N ILE A 25 -5.45 4.96 -13.16
CA ILE A 25 -5.43 6.41 -12.95
C ILE A 25 -5.88 6.83 -11.55
N GLY A 26 -7.08 6.43 -11.16
CA GLY A 26 -7.68 6.88 -9.90
C GLY A 26 -6.91 6.54 -8.63
N GLN A 27 -6.08 5.50 -8.67
CA GLN A 27 -5.32 5.05 -7.50
C GLN A 27 -3.91 5.61 -7.39
N MET A 28 -3.57 6.48 -8.34
CA MET A 28 -2.36 7.28 -8.26
C MET A 28 -2.50 8.34 -7.17
N THR A 29 -1.47 8.48 -6.33
CA THR A 29 -1.42 9.56 -5.35
C THR A 29 -1.13 10.92 -6.03
N LEU A 30 -1.56 11.99 -5.37
CA LEU A 30 -1.31 13.34 -5.85
C LEU A 30 0.19 13.63 -5.99
N GLN A 31 0.97 13.19 -5.00
CA GLN A 31 2.42 13.42 -5.07
C GLN A 31 3.12 12.61 -6.16
N ALA A 32 2.64 11.40 -6.43
CA ALA A 32 3.21 10.59 -7.53
C ALA A 32 3.05 11.37 -8.83
N LEU A 33 1.85 11.92 -9.05
CA LEU A 33 1.53 12.68 -10.24
C LEU A 33 2.43 13.93 -10.38
N SER A 34 2.62 14.67 -9.30
CA SER A 34 3.42 15.90 -9.31
C SER A 34 4.90 15.61 -9.53
N TYR A 35 5.38 14.47 -9.03
CA TYR A 35 6.76 14.08 -9.32
C TYR A 35 6.97 13.60 -10.76
N ILE A 36 5.99 12.88 -11.30
CA ILE A 36 6.02 12.49 -12.70
C ILE A 36 6.09 13.74 -13.61
N GLU A 37 5.21 14.72 -13.38
CA GLU A 37 5.22 16.01 -14.08
C GLU A 37 6.55 16.77 -14.04
N ALA A 38 7.21 16.78 -12.88
CA ALA A 38 8.45 17.55 -12.68
C ALA A 38 9.74 16.87 -13.18
N ALA A 39 9.66 15.57 -13.49
CA ALA A 39 10.83 14.80 -13.91
C ALA A 39 11.46 15.29 -15.23
N SER A 40 12.79 15.19 -15.31
CA SER A 40 13.51 15.35 -16.58
C SER A 40 13.21 14.18 -17.52
N LYS A 41 13.07 12.99 -16.94
CA LYS A 41 12.94 11.72 -17.68
C LYS A 41 12.13 10.74 -16.87
N VAL A 42 11.22 10.03 -17.53
CA VAL A 42 10.34 9.07 -16.87
C VAL A 42 10.52 7.66 -17.45
N PHE A 43 10.78 6.69 -16.57
CA PHE A 43 10.80 5.26 -16.94
C PHE A 43 9.64 4.57 -16.23
N TYR A 44 8.78 3.89 -16.97
CA TYR A 44 7.58 3.33 -16.36
C TYR A 44 7.32 1.88 -16.71
N CYS A 45 6.81 1.14 -15.74
CA CYS A 45 6.29 -0.20 -15.94
C CYS A 45 4.89 -0.25 -15.36
N VAL A 46 3.91 -0.04 -16.24
CA VAL A 46 2.50 -0.06 -15.85
C VAL A 46 1.77 -1.02 -16.76
N ILE A 47 0.74 -1.67 -16.24
CA ILE A 47 0.06 -2.73 -17.03
C ILE A 47 -1.35 -2.40 -17.53
N ASP A 48 -1.86 -1.23 -17.19
CA ASP A 48 -3.16 -0.79 -17.67
C ASP A 48 -2.91 0.27 -18.74
N PRO A 49 -3.49 0.10 -19.95
CA PRO A 49 -3.20 1.06 -21.04
C PRO A 49 -3.62 2.51 -20.77
N ALA A 50 -4.73 2.73 -20.05
CA ALA A 50 -5.20 4.10 -19.70
C ALA A 50 -4.27 4.87 -18.76
N THR A 51 -3.67 4.15 -17.80
CA THR A 51 -2.66 4.72 -16.89
C THR A 51 -1.41 5.13 -17.68
N GLU A 52 -0.95 4.25 -18.58
CA GLU A 52 0.14 4.56 -19.49
C GLU A 52 -0.16 5.84 -20.27
N ALA A 53 -1.34 5.89 -20.89
CA ALA A 53 -1.78 7.04 -21.67
C ALA A 53 -1.80 8.32 -20.83
N PHE A 54 -2.38 8.24 -19.62
CA PHE A 54 -2.34 9.30 -18.63
C PHE A 54 -0.92 9.79 -18.37
N ILE A 55 -0.03 8.87 -18.02
CA ILE A 55 1.37 9.21 -17.74
C ILE A 55 2.04 9.99 -18.90
N LEU A 56 1.78 9.55 -20.13
CA LEU A 56 2.35 10.20 -21.32
C LEU A 56 1.89 11.66 -21.54
N THR A 57 0.67 11.97 -21.13
CA THR A 57 0.18 13.35 -21.16
C THR A 57 0.82 14.24 -20.09
N LYS A 58 1.51 13.64 -19.12
CA LYS A 58 2.03 14.38 -17.96
C LYS A 58 3.51 14.71 -18.05
N ASN A 59 4.24 13.96 -18.86
CA ASN A 59 5.64 14.24 -19.10
C ASN A 59 5.94 13.95 -20.56
N LYS A 60 6.73 14.83 -21.17
CA LYS A 60 7.05 14.72 -22.60
C LYS A 60 8.15 13.71 -22.89
N ASN A 61 8.92 13.37 -21.85
CA ASN A 61 10.05 12.44 -22.01
C ASN A 61 9.94 11.10 -21.23
N CYS A 62 9.10 10.19 -21.73
CA CYS A 62 8.92 8.85 -21.11
C CYS A 62 9.43 7.68 -21.94
N VAL A 63 9.85 6.63 -21.23
CA VAL A 63 10.31 5.36 -21.82
C VAL A 63 9.50 4.23 -21.13
N ASP A 64 8.82 3.41 -21.94
CA ASP A 64 8.14 2.18 -21.49
C ASP A 64 9.17 1.09 -21.21
N LEU A 65 9.23 0.66 -19.95
CA LEU A 65 10.14 -0.42 -19.51
C LEU A 65 9.64 -1.81 -19.89
N TYR A 66 8.38 -1.91 -20.29
CA TYR A 66 7.78 -3.20 -20.60
C TYR A 66 8.42 -3.92 -21.82
N GLN A 67 9.01 -3.13 -22.71
CA GLN A 67 9.66 -3.63 -23.93
C GLN A 67 10.92 -4.43 -23.61
N TYR A 68 11.36 -4.39 -22.35
CA TYR A 68 12.57 -5.10 -21.93
C TYR A 68 12.35 -6.51 -21.39
N TYR A 69 11.09 -6.95 -21.36
CA TYR A 69 10.77 -8.36 -21.19
C TYR A 69 10.87 -9.01 -22.56
N ASP A 70 11.10 -10.33 -22.57
CA ASP A 70 11.02 -11.09 -23.81
C ASP A 70 10.73 -12.56 -23.56
N ASN A 71 10.24 -13.25 -24.59
CA ASN A 71 10.08 -14.70 -24.58
C ASN A 71 11.40 -15.38 -24.27
N GLY A 72 11.38 -16.27 -23.29
CA GLY A 72 12.56 -17.02 -22.86
C GLY A 72 13.65 -16.22 -22.17
N LYS A 73 13.42 -14.92 -21.98
CA LYS A 73 14.38 -14.03 -21.33
C LYS A 73 14.14 -14.02 -19.81
N SER A 74 15.20 -14.32 -19.07
CA SER A 74 15.23 -14.26 -17.61
C SER A 74 14.76 -12.90 -17.11
N ARG A 75 13.76 -12.93 -16.23
CA ARG A 75 13.18 -11.70 -15.67
C ARG A 75 14.23 -10.89 -14.93
N MET A 76 15.13 -11.60 -14.26
CA MET A 76 16.31 -11.02 -13.64
C MET A 76 17.16 -10.13 -14.56
N ASP A 77 17.30 -10.55 -15.83
CA ASP A 77 18.00 -9.78 -16.87
C ASP A 77 17.20 -8.53 -17.24
N THR A 78 15.89 -8.70 -17.42
CA THR A 78 14.98 -7.57 -17.59
C THR A 78 15.09 -6.55 -16.46
N TYR A 79 15.14 -7.04 -15.22
CA TYR A 79 15.21 -6.13 -14.08
C TYR A 79 16.54 -5.40 -14.00
N THR A 80 17.62 -6.09 -14.35
CA THR A 80 18.96 -5.47 -14.44
C THR A 80 18.95 -4.29 -15.43
N GLN A 81 18.31 -4.51 -16.59
CA GLN A 81 18.19 -3.53 -17.65
C GLN A 81 17.32 -2.33 -17.25
N MET A 82 16.11 -2.61 -16.74
CA MET A 82 15.23 -1.57 -16.23
C MET A 82 15.97 -0.67 -15.25
N ALA A 83 16.69 -1.27 -14.31
CA ALA A 83 17.47 -0.51 -13.34
C ALA A 83 18.61 0.29 -14.00
N GLU A 84 19.32 -0.33 -14.95
CA GLU A 84 20.47 0.36 -15.58
C GLU A 84 20.07 1.57 -16.45
N LEU A 85 18.98 1.43 -17.21
CA LEU A 85 18.39 2.52 -17.99
C LEU A 85 18.13 3.77 -17.17
N MET A 86 17.65 3.58 -15.95
CA MET A 86 17.36 4.69 -15.04
C MET A 86 18.69 5.26 -14.50
N LEU A 87 19.57 4.38 -14.06
CA LEU A 87 20.89 4.75 -13.52
C LEU A 87 21.82 5.47 -14.52
N LYS A 88 21.77 5.08 -15.80
CA LYS A 88 22.49 5.78 -16.87
C LYS A 88 22.17 7.28 -16.82
N GLU A 89 20.87 7.58 -16.77
CA GLU A 89 20.38 8.94 -16.79
C GLU A 89 20.66 9.69 -15.52
N VAL A 90 20.61 9.00 -14.39
CA VAL A 90 21.00 9.57 -13.10
C VAL A 90 22.49 9.96 -13.13
N ARG A 91 23.32 9.06 -13.67
CA ARG A 91 24.76 9.32 -13.82
C ARG A 91 25.07 10.46 -14.79
N ASN A 92 24.19 10.69 -15.76
CA ASN A 92 24.28 11.84 -16.68
C ASN A 92 23.87 13.17 -16.04
N GLY A 93 23.50 13.13 -14.76
CA GLY A 93 23.00 14.32 -14.07
C GLY A 93 21.52 14.63 -14.25
N LEU A 94 20.72 13.68 -14.73
CA LEU A 94 19.26 13.95 -14.81
C LEU A 94 18.51 13.64 -13.50
N ASP A 95 17.35 14.30 -13.34
CA ASP A 95 16.40 13.98 -12.29
C ASP A 95 15.36 13.00 -12.85
N VAL A 96 15.60 11.73 -12.58
CA VAL A 96 14.84 10.64 -13.18
C VAL A 96 13.67 10.23 -12.26
N VAL A 97 12.54 9.92 -12.87
CA VAL A 97 11.44 9.32 -12.12
C VAL A 97 11.16 7.94 -12.66
N GLY A 98 11.34 6.93 -11.80
CA GLY A 98 10.89 5.56 -12.11
C GLY A 98 9.45 5.40 -11.61
N VAL A 99 8.61 4.78 -12.44
CA VAL A 99 7.19 4.56 -12.13
C VAL A 99 6.92 3.05 -12.26
N PHE A 100 6.42 2.42 -11.20
CA PHE A 100 6.00 1.00 -11.23
C PHE A 100 4.58 0.88 -10.73
N TYR A 101 3.76 0.05 -11.37
CA TYR A 101 2.33 -0.03 -10.98
C TYR A 101 2.18 -0.55 -9.54
N GLY A 102 1.10 -0.16 -8.89
CA GLY A 102 0.89 -0.50 -7.48
C GLY A 102 1.72 0.39 -6.57
N HIS A 103 2.36 -0.23 -5.59
CA HIS A 103 3.37 0.37 -4.74
C HIS A 103 4.70 -0.03 -5.39
N PRO A 104 5.61 0.93 -5.64
CA PRO A 104 6.77 0.58 -6.49
C PRO A 104 7.87 -0.25 -5.82
N GLY A 105 7.70 -0.52 -4.52
CA GLY A 105 8.66 -1.30 -3.73
C GLY A 105 8.10 -2.59 -3.15
N VAL A 106 6.86 -2.92 -3.52
CA VAL A 106 6.17 -4.13 -3.05
C VAL A 106 6.26 -5.14 -4.19
N PHE A 107 7.09 -6.16 -3.99
CA PHE A 107 7.32 -7.20 -4.99
C PHE A 107 7.83 -6.59 -6.31
N VAL A 108 8.83 -5.72 -6.18
CA VAL A 108 9.47 -5.13 -7.35
C VAL A 108 10.99 -5.20 -7.13
N ASN A 109 11.71 -5.93 -7.99
CA ASN A 109 13.17 -5.96 -7.90
C ASN A 109 13.87 -4.64 -8.35
N PRO A 110 13.60 -4.15 -9.58
CA PRO A 110 14.51 -3.13 -10.14
C PRO A 110 14.46 -1.74 -9.48
N SER A 111 13.30 -1.38 -8.93
CA SER A 111 13.17 -0.16 -8.14
C SER A 111 14.17 -0.17 -7.01
N HIS A 112 14.12 -1.20 -6.15
CA HIS A 112 15.06 -1.36 -5.03
C HIS A 112 16.51 -1.43 -5.53
N ARG A 113 16.71 -2.15 -6.64
CA ARG A 113 18.04 -2.33 -7.25
C ARG A 113 18.66 -1.00 -7.66
N ALA A 114 17.88 -0.19 -8.38
CA ALA A 114 18.33 1.10 -8.88
C ALA A 114 18.58 2.10 -7.76
N LEU A 115 17.69 2.10 -6.77
CA LEU A 115 17.81 2.99 -5.62
C LEU A 115 19.03 2.70 -4.77
N ALA A 116 19.30 1.42 -4.51
CA ALA A 116 20.45 1.02 -3.71
C ALA A 116 21.78 1.32 -4.42
N ILE A 117 21.79 1.19 -5.75
CA ILE A 117 22.98 1.53 -6.56
C ILE A 117 23.17 3.07 -6.55
N ALA A 118 22.13 3.83 -6.95
CA ALA A 118 22.14 5.30 -6.81
C ALA A 118 22.63 5.78 -5.44
N ARG A 119 22.07 5.25 -4.35
CA ARG A 119 22.51 5.62 -2.99
C ARG A 119 23.99 5.36 -2.74
N SER A 120 24.47 4.17 -3.12
CA SER A 120 25.89 3.78 -3.02
C SER A 120 26.81 4.78 -3.73
N GLU A 121 26.38 5.26 -4.89
CA GLU A 121 27.13 6.21 -5.70
C GLU A 121 26.92 7.68 -5.29
N GLY A 122 26.26 7.91 -4.16
CA GLY A 122 26.06 9.25 -3.62
C GLY A 122 25.04 10.14 -4.30
N TYR A 123 24.09 9.57 -5.03
CA TYR A 123 22.98 10.38 -5.57
C TYR A 123 21.77 10.40 -4.62
N GLN A 124 20.96 11.46 -4.71
CA GLN A 124 19.68 11.53 -4.00
C GLN A 124 18.73 10.48 -4.58
N ALA A 125 18.20 9.65 -3.68
CA ALA A 125 17.38 8.49 -4.03
C ALA A 125 16.21 8.41 -3.05
N ARG A 126 14.99 8.44 -3.56
CA ARG A 126 13.81 8.38 -2.70
C ARG A 126 12.74 7.56 -3.35
N MET A 127 12.08 6.71 -2.56
CA MET A 127 10.90 6.00 -3.02
C MET A 127 9.68 6.59 -2.32
N LEU A 128 8.66 6.86 -3.10
CA LEU A 128 7.36 7.29 -2.57
C LEU A 128 6.40 6.10 -2.62
N PRO A 129 5.62 5.88 -1.55
CA PRO A 129 4.76 4.68 -1.52
C PRO A 129 3.54 4.85 -2.44
N GLY A 130 2.95 3.72 -2.82
CA GLY A 130 1.65 3.71 -3.49
C GLY A 130 0.73 2.65 -2.93
N VAL A 131 -0.45 2.53 -3.54
CA VAL A 131 -1.46 1.54 -3.19
C VAL A 131 -1.10 0.22 -3.85
N SER A 132 -0.85 -0.79 -3.02
CA SER A 132 -0.48 -2.11 -3.51
C SER A 132 -1.71 -2.96 -3.83
N ALA A 133 -1.49 -4.13 -4.42
CA ALA A 133 -2.56 -5.09 -4.67
C ALA A 133 -3.04 -5.70 -3.35
N GLU A 134 -2.14 -5.80 -2.38
CA GLU A 134 -2.49 -6.17 -1.02
C GLU A 134 -3.43 -5.15 -0.33
N ASP A 135 -3.14 -3.86 -0.51
CA ASP A 135 -4.01 -2.75 -0.05
C ASP A 135 -5.41 -2.86 -0.67
N CYS A 136 -5.43 -3.15 -1.97
CA CYS A 136 -6.66 -3.39 -2.71
C CYS A 136 -7.39 -4.62 -2.17
N LEU A 137 -6.64 -5.67 -1.84
CA LEU A 137 -7.20 -6.91 -1.29
C LEU A 137 -7.88 -6.60 0.05
N PHE A 138 -7.21 -5.83 0.92
CA PHE A 138 -7.81 -5.43 2.20
C PHE A 138 -9.16 -4.77 1.98
N ALA A 139 -9.18 -3.81 1.06
CA ALA A 139 -10.38 -3.02 0.75
C ALA A 139 -11.48 -3.84 0.09
N ASP A 140 -11.16 -4.67 -0.89
CA ASP A 140 -12.17 -5.40 -1.66
C ASP A 140 -12.72 -6.59 -0.88
N LEU A 141 -11.88 -7.18 -0.03
CA LEU A 141 -12.29 -8.27 0.84
C LEU A 141 -12.78 -7.80 2.22
N CYS A 142 -12.85 -6.47 2.46
CA CYS A 142 -13.00 -5.82 3.84
C CYS A 142 -12.48 -6.69 4.95
N ILE A 143 -11.17 -6.90 4.94
CA ILE A 143 -10.47 -7.55 6.04
C ILE A 143 -9.45 -6.55 6.58
N ASP A 144 -9.12 -6.68 7.84
CA ASP A 144 -8.19 -5.80 8.47
C ASP A 144 -6.98 -6.69 8.78
N PRO A 145 -5.78 -6.29 8.28
CA PRO A 145 -4.59 -7.08 8.57
C PRO A 145 -4.37 -7.26 10.07
N SER A 146 -4.89 -6.38 10.92
CA SER A 146 -4.69 -6.47 12.38
C SER A 146 -5.45 -7.59 13.09
N ASN A 147 -6.54 -8.04 12.46
CA ASN A 147 -7.39 -9.08 12.99
C ASN A 147 -7.47 -10.23 11.98
N PRO A 148 -6.61 -11.25 12.08
CA PRO A 148 -5.82 -11.49 13.29
C PRO A 148 -4.29 -11.60 13.01
N GLY A 149 -3.74 -10.58 12.33
CA GLY A 149 -2.34 -10.61 11.94
C GLY A 149 -2.27 -11.02 10.49
N CYS A 150 -1.23 -10.55 9.79
CA CYS A 150 -1.14 -10.77 8.36
C CYS A 150 0.24 -11.23 7.91
N LEU A 151 0.28 -12.33 7.17
CA LEU A 151 1.55 -12.84 6.66
C LEU A 151 1.50 -12.87 5.15
N THR A 152 2.49 -12.27 4.52
CA THR A 152 2.54 -12.12 3.07
C THR A 152 3.83 -12.75 2.55
N TYR A 153 3.70 -13.62 1.56
CA TYR A 153 4.85 -14.28 0.92
C TYR A 153 4.80 -14.19 -0.60
N GLU A 154 5.96 -14.27 -1.23
CA GLU A 154 6.01 -14.60 -2.64
C GLU A 154 5.86 -16.14 -2.76
N ALA A 155 4.97 -16.59 -3.66
CA ALA A 155 4.53 -17.99 -3.74
C ALA A 155 5.65 -18.99 -3.95
N SER A 156 6.57 -18.70 -4.88
CA SER A 156 7.71 -19.60 -5.13
C SER A 156 8.67 -19.61 -3.95
N ASP A 157 8.97 -18.43 -3.40
CA ASP A 157 9.79 -18.28 -2.19
C ASP A 157 9.19 -19.02 -0.96
N PHE A 158 7.86 -18.98 -0.84
CA PHE A 158 7.13 -19.76 0.16
C PHE A 158 7.47 -21.26 0.01
N LEU A 159 7.51 -21.75 -1.22
CA LEU A 159 7.89 -23.16 -1.52
C LEU A 159 9.39 -23.41 -1.34
N ILE A 160 10.20 -22.63 -2.08
CA ILE A 160 11.66 -22.75 -2.14
C ILE A 160 12.32 -22.81 -0.77
N ARG A 161 11.87 -21.93 0.12
CA ARG A 161 12.48 -21.77 1.42
C ARG A 161 11.63 -22.37 2.53
N GLU A 162 10.59 -23.12 2.13
CA GLU A 162 9.73 -23.86 3.08
C GLU A 162 9.27 -22.97 4.25
N ARG A 163 8.75 -21.79 3.91
CA ARG A 163 8.45 -20.76 4.90
C ARG A 163 7.24 -21.20 5.72
N PRO A 164 7.27 -20.95 7.05
CA PRO A 164 6.19 -21.44 7.90
C PRO A 164 4.87 -20.72 7.65
N VAL A 165 3.77 -21.46 7.73
CA VAL A 165 2.44 -20.89 7.73
C VAL A 165 2.06 -20.42 9.13
N ASN A 166 1.02 -19.61 9.21
CA ASN A 166 0.41 -19.24 10.46
C ASN A 166 -1.09 -19.34 10.28
N VAL A 167 -1.65 -20.48 10.71
CA VAL A 167 -3.06 -20.85 10.44
C VAL A 167 -4.07 -20.01 11.22
N HIS A 168 -3.59 -19.23 12.19
CA HIS A 168 -4.41 -18.33 13.00
C HIS A 168 -4.42 -16.87 12.53
N SER A 169 -3.71 -16.57 11.45
CA SER A 169 -3.59 -15.21 10.92
C SER A 169 -3.86 -15.24 9.43
N HIS A 170 -4.06 -14.07 8.80
CA HIS A 170 -4.34 -14.02 7.36
C HIS A 170 -3.08 -14.48 6.64
N LEU A 171 -3.25 -15.17 5.51
CA LEU A 171 -2.13 -15.48 4.61
C LEU A 171 -2.41 -14.94 3.21
N ILE A 172 -1.47 -14.15 2.70
CA ILE A 172 -1.52 -13.57 1.35
C ILE A 172 -0.32 -14.06 0.53
N LEU A 173 -0.59 -14.56 -0.67
CA LEU A 173 0.45 -15.06 -1.53
C LEU A 173 0.40 -14.33 -2.85
N PHE A 174 1.51 -13.70 -3.19
CA PHE A 174 1.68 -13.06 -4.51
C PHE A 174 2.30 -14.04 -5.48
N GLN A 175 2.08 -13.78 -6.78
CA GLN A 175 2.75 -14.48 -7.92
C GLN A 175 2.43 -15.96 -7.98
N VAL A 176 1.21 -16.30 -7.59
CA VAL A 176 0.69 -17.66 -7.69
C VAL A 176 0.57 -18.10 -9.16
N GLY A 177 0.60 -17.14 -10.08
CA GLY A 177 0.48 -17.35 -11.51
C GLY A 177 1.76 -17.78 -12.21
N CYS A 178 2.90 -17.75 -11.51
CA CYS A 178 4.19 -18.06 -12.14
C CYS A 178 5.10 -18.84 -11.23
N VAL A 179 4.56 -19.92 -10.66
CA VAL A 179 5.30 -20.74 -9.71
C VAL A 179 6.52 -21.39 -10.37
N GLY A 180 7.71 -21.16 -9.81
CA GLY A 180 8.95 -21.73 -10.36
C GLY A 180 9.32 -21.29 -11.79
N ILE A 181 8.78 -20.15 -12.22
CA ILE A 181 9.10 -19.60 -13.54
C ILE A 181 10.06 -18.39 -13.36
N ALA A 182 11.23 -18.50 -13.99
CA ALA A 182 12.25 -17.45 -13.91
C ALA A 182 12.17 -16.53 -15.13
N ASP A 183 11.28 -16.94 -16.04
CA ASP A 183 11.18 -16.54 -17.43
C ASP A 183 10.06 -15.53 -17.68
N PHE A 184 9.78 -15.27 -18.96
CA PHE A 184 8.63 -14.48 -19.39
C PHE A 184 8.16 -15.03 -20.72
N ASN A 185 6.87 -14.90 -20.99
CA ASN A 185 6.33 -15.07 -22.35
C ASN A 185 5.15 -14.13 -22.59
N PHE A 186 5.19 -13.40 -23.71
CA PHE A 186 4.12 -12.44 -24.10
C PHE A 186 2.72 -13.05 -24.21
N SER A 187 2.65 -14.37 -24.38
CA SER A 187 1.38 -15.10 -24.44
C SER A 187 0.83 -15.41 -23.04
N GLY A 188 1.62 -15.11 -22.02
CA GLY A 188 1.29 -15.44 -20.63
C GLY A 188 2.20 -16.53 -20.11
N PHE A 189 1.98 -16.93 -18.86
CA PHE A 189 2.77 -17.98 -18.23
C PHE A 189 2.13 -19.33 -18.45
N ASP A 190 2.96 -20.35 -18.54
CA ASP A 190 2.51 -21.73 -18.51
C ASP A 190 2.77 -22.27 -17.09
N ASN A 191 1.76 -22.10 -16.25
CA ASN A 191 1.86 -22.29 -14.77
C ASN A 191 1.85 -23.79 -14.39
N SER A 192 2.73 -24.55 -15.04
CA SER A 192 2.77 -26.02 -14.93
C SER A 192 3.12 -26.52 -13.52
N LYS A 193 3.83 -25.72 -12.72
CA LYS A 193 4.23 -26.12 -11.36
C LYS A 193 3.26 -25.67 -10.28
N PHE A 194 2.13 -25.14 -10.72
CA PHE A 194 1.04 -24.68 -9.86
C PHE A 194 0.63 -25.75 -8.86
N THR A 195 0.52 -26.98 -9.36
CA THR A 195 0.20 -28.18 -8.60
C THR A 195 1.06 -28.32 -7.32
N ILE A 196 2.33 -27.94 -7.40
CA ILE A 196 3.25 -28.02 -6.25
C ILE A 196 2.80 -27.05 -5.14
N LEU A 197 2.26 -25.88 -5.53
CA LEU A 197 1.78 -24.89 -4.56
C LEU A 197 0.53 -25.39 -3.85
N VAL A 198 -0.39 -25.98 -4.62
CA VAL A 198 -1.58 -26.63 -4.09
C VAL A 198 -1.19 -27.72 -3.07
N ASP A 199 -0.23 -28.59 -3.44
CA ASP A 199 0.27 -29.65 -2.52
C ASP A 199 0.65 -29.07 -1.16
N ARG A 200 1.41 -27.98 -1.17
CA ARG A 200 1.86 -27.33 0.05
C ARG A 200 0.67 -26.77 0.87
N LEU A 201 -0.26 -26.10 0.19
CA LEU A 201 -1.45 -25.54 0.84
C LEU A 201 -2.37 -26.64 1.42
N GLU A 202 -2.55 -27.75 0.69
CA GLU A 202 -3.28 -28.91 1.18
C GLU A 202 -2.63 -29.54 2.40
N GLN A 203 -1.29 -29.70 2.35
CA GLN A 203 -0.51 -30.17 3.49
C GLN A 203 -0.71 -29.29 4.72
N GLU A 204 -0.85 -27.99 4.52
CA GLU A 204 -0.88 -27.05 5.64
C GLU A 204 -2.28 -26.74 6.16
N TYR A 205 -3.26 -26.73 5.24
CA TYR A 205 -4.61 -26.24 5.53
C TYR A 205 -5.71 -27.30 5.27
N GLY A 206 -5.38 -28.38 4.56
CA GLY A 206 -6.36 -29.40 4.18
C GLY A 206 -7.17 -28.97 2.97
N PRO A 207 -7.55 -29.95 2.10
CA PRO A 207 -8.26 -29.70 0.82
C PRO A 207 -9.57 -28.94 0.96
N ASP A 208 -10.08 -28.84 2.18
CA ASP A 208 -11.39 -28.26 2.44
C ASP A 208 -11.38 -26.83 2.89
N HIS A 209 -10.24 -26.32 3.37
CA HIS A 209 -10.12 -24.94 3.79
C HIS A 209 -10.24 -23.99 2.59
N THR A 210 -10.79 -22.82 2.88
CA THR A 210 -11.05 -21.75 1.94
C THR A 210 -9.76 -21.15 1.37
N VAL A 211 -9.79 -20.88 0.07
CA VAL A 211 -8.83 -19.99 -0.59
C VAL A 211 -9.65 -19.02 -1.45
N VAL A 212 -9.34 -17.73 -1.34
CA VAL A 212 -9.95 -16.75 -2.21
C VAL A 212 -8.97 -16.39 -3.34
N HIS A 213 -9.45 -16.56 -4.56
CA HIS A 213 -8.74 -16.09 -5.73
C HIS A 213 -9.11 -14.62 -5.94
N TYR A 214 -8.10 -13.76 -5.82
CA TYR A 214 -8.29 -12.31 -5.84
C TYR A 214 -7.60 -11.64 -7.02
N ILE A 215 -8.39 -10.94 -7.82
CA ILE A 215 -7.88 -10.02 -8.84
C ILE A 215 -8.61 -8.68 -8.67
N ALA A 216 -7.89 -7.66 -8.16
CA ALA A 216 -8.37 -6.29 -8.14
C ALA A 216 -8.68 -5.84 -9.57
N ALA A 217 -9.79 -5.12 -9.71
CA ALA A 217 -10.19 -4.47 -10.95
C ALA A 217 -9.09 -3.47 -11.34
N MET A 218 -8.75 -3.49 -12.63
CA MET A 218 -7.73 -2.59 -13.19
C MET A 218 -8.41 -1.39 -13.85
N MET A 219 -9.63 -1.58 -14.33
CA MET A 219 -10.43 -0.50 -14.93
C MET A 219 -11.50 -0.06 -13.96
N PRO A 220 -11.86 1.25 -13.96
CA PRO A 220 -12.76 1.78 -12.92
C PRO A 220 -14.13 1.11 -12.88
N HIS A 221 -14.57 0.57 -14.01
CA HIS A 221 -15.91 -0.02 -14.11
C HIS A 221 -15.92 -1.52 -13.87
N GLN A 222 -14.74 -2.15 -13.87
CA GLN A 222 -14.57 -3.58 -13.65
C GLN A 222 -14.89 -3.99 -12.21
N ASP A 223 -15.36 -5.22 -12.03
CA ASP A 223 -15.54 -5.82 -10.72
C ASP A 223 -14.32 -6.62 -10.35
N PRO A 224 -13.98 -6.65 -9.04
CA PRO A 224 -12.91 -7.54 -8.64
C PRO A 224 -13.34 -9.00 -8.79
N VAL A 225 -12.40 -9.86 -9.09
CA VAL A 225 -12.59 -11.28 -8.88
C VAL A 225 -12.29 -11.50 -7.40
N THR A 226 -13.30 -11.98 -6.68
CA THR A 226 -13.19 -12.38 -5.27
C THR A 226 -13.80 -13.79 -5.11
N ASP A 227 -13.26 -14.76 -5.87
CA ASP A 227 -13.83 -16.12 -5.95
C ASP A 227 -13.43 -17.02 -4.78
N LYS A 228 -14.41 -17.43 -3.98
CA LYS A 228 -14.21 -18.32 -2.82
C LYS A 228 -14.14 -19.78 -3.30
N PHE A 229 -12.99 -20.40 -3.12
CA PHE A 229 -12.82 -21.82 -3.40
C PHE A 229 -12.38 -22.58 -2.16
N THR A 230 -12.37 -23.91 -2.25
CA THR A 230 -11.62 -24.75 -1.28
C THR A 230 -10.28 -25.03 -1.96
N ILE A 231 -9.23 -25.27 -1.18
CA ILE A 231 -7.89 -25.56 -1.74
C ILE A 231 -7.92 -26.72 -2.74
N GLY A 232 -8.70 -27.77 -2.43
CA GLY A 232 -8.91 -28.92 -3.32
C GLY A 232 -9.42 -28.60 -4.71
N GLN A 233 -10.29 -27.60 -4.83
CA GLN A 233 -10.78 -27.13 -6.14
C GLN A 233 -9.68 -26.59 -7.06
N LEU A 234 -8.56 -26.14 -6.48
CA LEU A 234 -7.41 -25.63 -7.26
C LEU A 234 -6.78 -26.71 -8.14
N ARG A 235 -7.08 -27.98 -7.85
CA ARG A 235 -6.62 -29.13 -8.67
C ARG A 235 -7.41 -29.32 -9.97
N GLU A 236 -8.60 -28.73 -10.05
CA GLU A 236 -9.44 -28.80 -11.27
C GLU A 236 -8.91 -27.84 -12.35
N PRO A 237 -8.60 -28.37 -13.57
CA PRO A 237 -8.04 -27.57 -14.67
C PRO A 237 -8.86 -26.34 -15.06
N GLU A 238 -10.18 -26.42 -14.93
CA GLU A 238 -11.08 -25.30 -15.23
C GLU A 238 -10.96 -24.13 -14.25
N ILE A 239 -10.68 -24.45 -12.97
CA ILE A 239 -10.45 -23.47 -11.90
C ILE A 239 -9.04 -22.88 -12.02
N ALA A 240 -8.05 -23.76 -12.09
CA ALA A 240 -6.63 -23.39 -12.16
C ALA A 240 -6.22 -22.56 -13.38
N LYS A 241 -6.99 -22.66 -14.47
CA LYS A 241 -6.71 -21.91 -15.71
C LYS A 241 -6.87 -20.41 -15.52
N ARG A 242 -7.69 -20.03 -14.55
CA ARG A 242 -8.05 -18.62 -14.37
C ARG A 242 -7.04 -17.86 -13.51
N VAL A 243 -6.07 -18.57 -12.93
CA VAL A 243 -5.07 -17.91 -12.12
C VAL A 243 -3.88 -17.51 -12.98
N GLY A 244 -3.69 -16.20 -13.15
CA GLY A 244 -2.68 -15.68 -14.07
C GLY A 244 -1.74 -14.69 -13.43
N GLY A 245 -1.18 -13.82 -14.25
CA GLY A 245 -0.13 -12.91 -13.84
C GLY A 245 -0.53 -11.82 -12.86
N VAL A 246 -1.84 -11.57 -12.74
CA VAL A 246 -2.34 -10.60 -11.77
C VAL A 246 -3.18 -11.24 -10.64
N SER A 247 -2.94 -12.53 -10.37
CA SER A 247 -3.70 -13.32 -9.37
C SER A 247 -3.00 -13.36 -8.04
N THR A 248 -3.75 -13.13 -6.98
CA THR A 248 -3.23 -13.22 -5.61
C THR A 248 -4.14 -14.19 -4.86
N PHE A 249 -3.56 -14.98 -3.96
CA PHE A 249 -4.41 -15.81 -3.09
C PHE A 249 -4.49 -15.26 -1.69
N TYR A 250 -5.73 -15.23 -1.18
CA TYR A 250 -5.96 -14.97 0.22
C TYR A 250 -6.41 -16.26 0.90
N ILE A 251 -5.71 -16.62 1.96
CA ILE A 251 -6.07 -17.79 2.79
C ILE A 251 -6.48 -17.34 4.18
N PRO A 252 -7.80 -17.39 4.49
CA PRO A 252 -8.28 -16.98 5.83
C PRO A 252 -7.77 -17.88 6.95
N PRO A 253 -7.85 -17.41 8.21
CA PRO A 253 -7.44 -18.27 9.32
C PRO A 253 -8.25 -19.57 9.34
N LYS A 254 -7.57 -20.67 9.65
CA LYS A 254 -8.19 -21.99 9.84
C LYS A 254 -8.88 -22.06 11.21
N ALA A 255 -8.28 -21.39 12.21
CA ALA A 255 -8.89 -21.28 13.55
C ALA A 255 -8.40 -19.98 14.18
N ARG A 256 -9.01 -19.57 15.29
CA ARG A 256 -8.51 -18.42 16.06
C ARG A 256 -7.73 -18.89 17.27
N LYS A 257 -6.78 -18.08 17.66
CA LYS A 257 -5.92 -18.38 18.79
C LYS A 257 -6.57 -17.77 20.04
N ASP A 258 -6.61 -18.54 21.12
CA ASP A 258 -7.16 -18.07 22.40
C ASP A 258 -6.46 -16.81 22.88
N ILE A 259 -7.24 -15.91 23.47
CA ILE A 259 -6.70 -14.88 24.35
C ILE A 259 -6.08 -15.58 25.53
N ASN A 260 -4.89 -15.14 25.90
CA ASN A 260 -4.29 -15.54 27.15
C ASN A 260 -4.71 -14.50 28.19
N THR A 261 -5.74 -14.87 28.97
CA THR A 261 -6.33 -13.99 29.99
C THR A 261 -5.41 -13.60 31.14
N ASP A 262 -4.35 -14.38 31.36
CA ASP A 262 -3.27 -13.97 32.25
C ASP A 262 -2.35 -12.87 31.69
N ILE A 263 -2.14 -12.85 30.37
CA ILE A 263 -1.43 -11.74 29.72
C ILE A 263 -2.32 -10.49 29.73
N ILE A 264 -3.64 -10.69 29.59
CA ILE A 264 -4.61 -9.58 29.66
C ILE A 264 -4.44 -8.86 30.99
N ARG A 265 -4.44 -9.64 32.08
CA ARG A 265 -4.22 -9.12 33.44
C ARG A 265 -2.91 -8.38 33.61
N LEU A 266 -1.80 -8.99 33.16
CA LEU A 266 -0.48 -8.34 33.24
C LEU A 266 -0.44 -6.96 32.56
N LEU A 267 -1.09 -6.85 31.39
CA LEU A 267 -1.15 -5.58 30.66
C LEU A 267 -2.16 -4.60 31.27
N GLU A 268 -3.00 -5.10 32.21
CA GLU A 268 -4.09 -4.33 32.82
C GLU A 268 -4.92 -3.65 31.74
N PHE A 269 -5.27 -4.43 30.72
CA PHE A 269 -6.05 -3.98 29.58
C PHE A 269 -7.46 -3.61 30.04
N LEU A 270 -7.97 -4.40 30.99
CA LEU A 270 -9.32 -4.30 31.56
C LEU A 270 -9.25 -4.03 33.09
N PRO A 271 -10.40 -3.68 33.76
CA PRO A 271 -10.39 -3.53 35.23
C PRO A 271 -9.81 -4.73 36.01
N ALA A 272 -9.12 -4.45 37.12
CA ALA A 272 -8.34 -5.45 37.87
C ALA A 272 -9.13 -6.71 38.26
N GLY A 273 -8.56 -7.87 37.93
CA GLY A 273 -9.21 -9.16 38.18
C GLY A 273 -10.33 -9.55 37.22
N LYS A 274 -10.54 -8.77 36.15
CA LYS A 274 -11.56 -9.07 35.12
C LYS A 274 -11.03 -10.02 34.04
N VAL A 275 -11.96 -10.61 33.30
CA VAL A 275 -11.68 -11.63 32.29
C VAL A 275 -12.60 -11.44 31.07
N PRO A 276 -12.03 -11.41 29.86
CA PRO A 276 -12.91 -11.53 28.68
C PRO A 276 -13.11 -13.01 28.31
N ASP A 277 -14.04 -13.27 27.40
CA ASP A 277 -14.28 -14.63 26.88
C ASP A 277 -13.17 -14.97 25.90
N LYS A 278 -12.41 -16.02 26.20
CA LYS A 278 -11.19 -16.39 25.43
C LYS A 278 -11.43 -16.62 23.94
N HIS A 279 -12.64 -17.08 23.59
CA HIS A 279 -12.92 -17.59 22.25
C HIS A 279 -13.65 -16.60 21.32
N THR A 280 -13.96 -15.40 21.82
CA THR A 280 -14.90 -14.53 21.10
C THR A 280 -14.14 -13.36 20.48
N GLN A 281 -14.43 -13.09 19.22
CA GLN A 281 -13.88 -11.92 18.52
C GLN A 281 -14.85 -10.73 18.51
N ILE A 282 -14.28 -9.56 18.19
CA ILE A 282 -14.97 -8.27 17.98
C ILE A 282 -15.76 -8.28 16.67
N TYR A 283 -16.94 -7.65 16.67
CA TYR A 283 -17.70 -7.38 15.42
C TYR A 283 -16.89 -6.41 14.53
N PRO A 284 -16.76 -6.64 13.21
CA PRO A 284 -17.46 -7.68 12.45
C PRO A 284 -16.68 -8.97 12.27
N PRO A 285 -17.36 -10.07 11.87
CA PRO A 285 -16.65 -11.27 11.42
C PRO A 285 -16.04 -11.08 10.04
N ASN A 286 -15.12 -11.96 9.68
CA ASN A 286 -14.48 -11.96 8.40
C ASN A 286 -15.34 -12.87 7.52
N GLN A 287 -16.00 -12.27 6.53
CA GLN A 287 -16.85 -12.97 5.53
C GLN A 287 -16.25 -14.26 4.95
N TRP A 288 -14.94 -14.26 4.73
CA TRP A 288 -14.23 -15.31 3.96
C TRP A 288 -13.80 -16.47 4.85
N GLU A 289 -13.99 -16.30 6.15
CA GLU A 289 -13.50 -17.22 7.17
C GLU A 289 -14.59 -18.19 7.62
N PRO A 290 -14.22 -19.45 8.01
CA PRO A 290 -15.18 -20.34 8.70
C PRO A 290 -15.65 -19.72 10.02
N ASP A 291 -16.81 -20.18 10.50
CA ASP A 291 -17.46 -19.63 11.69
C ASP A 291 -16.55 -19.49 12.91
N VAL A 292 -16.64 -18.32 13.55
CA VAL A 292 -15.90 -17.98 14.76
C VAL A 292 -16.92 -17.31 15.69
N PRO A 293 -16.90 -17.64 17.00
CA PRO A 293 -17.69 -16.86 17.98
C PRO A 293 -17.37 -15.36 17.89
N THR A 294 -18.39 -14.57 17.57
CA THR A 294 -18.25 -13.13 17.32
C THR A 294 -19.33 -12.36 18.08
N LEU A 295 -18.91 -11.34 18.82
CA LEU A 295 -19.80 -10.40 19.47
C LEU A 295 -20.87 -9.84 18.53
N PRO A 296 -22.11 -9.65 19.02
CA PRO A 296 -23.12 -9.02 18.17
C PRO A 296 -22.81 -7.53 17.93
N PRO A 297 -23.29 -6.94 16.81
CA PRO A 297 -23.00 -5.52 16.52
C PRO A 297 -23.56 -4.54 17.56
N TYR A 298 -24.70 -4.89 18.15
CA TYR A 298 -25.37 -3.98 19.09
C TYR A 298 -25.74 -4.66 20.41
N GLY A 299 -24.72 -4.94 21.22
CA GLY A 299 -24.93 -5.41 22.59
C GLY A 299 -25.00 -4.20 23.52
N GLN A 300 -24.97 -4.47 24.82
CA GLN A 300 -25.20 -3.48 25.86
C GLN A 300 -24.29 -2.26 25.76
N ASN A 301 -22.99 -2.52 25.62
CA ASN A 301 -21.96 -1.50 25.55
C ASN A 301 -22.11 -0.59 24.36
N GLU A 302 -22.53 -1.16 23.23
CA GLU A 302 -22.73 -0.42 21.98
C GLU A 302 -23.95 0.48 22.07
N GLN A 303 -25.05 -0.09 22.57
CA GLN A 303 -26.28 0.69 22.80
C GLN A 303 -26.00 1.83 23.77
N ALA A 304 -25.22 1.55 24.81
CA ALA A 304 -24.87 2.58 25.80
C ALA A 304 -24.12 3.72 25.13
N ALA A 305 -23.18 3.37 24.25
CA ALA A 305 -22.35 4.35 23.55
C ALA A 305 -23.19 5.19 22.59
N ILE A 306 -24.16 4.54 21.95
CA ILE A 306 -25.06 5.20 20.99
C ILE A 306 -26.06 6.14 21.68
N THR A 307 -26.73 5.67 22.74
CA THR A 307 -27.64 6.55 23.52
C THR A 307 -26.88 7.73 24.12
N ARG A 308 -25.63 7.50 24.52
CA ARG A 308 -24.77 8.56 25.02
C ARG A 308 -24.41 9.66 23.99
N LEU A 309 -24.48 9.33 22.70
CA LEU A 309 -24.23 10.29 21.60
C LEU A 309 -25.15 11.49 21.63
N GLU A 310 -26.40 11.27 22.07
CA GLU A 310 -27.39 12.32 22.21
C GLU A 310 -26.95 13.42 23.18
N ALA A 311 -26.35 12.99 24.29
CA ALA A 311 -25.79 13.90 25.30
C ALA A 311 -24.45 14.51 24.87
N HIS A 312 -23.81 13.93 23.86
CA HIS A 312 -22.43 14.31 23.47
C HIS A 312 -22.22 15.79 23.15
N ALA A 313 -21.13 16.33 23.69
CA ALA A 313 -20.59 17.62 23.33
C ALA A 313 -19.08 17.45 23.17
N PRO A 314 -18.42 18.30 22.34
CA PRO A 314 -16.96 18.13 22.21
C PRO A 314 -16.23 18.33 23.54
N PRO A 315 -15.34 17.40 23.91
CA PRO A 315 -14.55 17.52 25.16
C PRO A 315 -13.79 18.84 25.23
N GLU A 316 -13.63 19.34 26.46
CA GLU A 316 -12.88 20.56 26.79
C GLU A 316 -11.56 20.66 26.00
N GLU A 317 -10.81 19.55 25.99
CA GLU A 317 -9.45 19.52 25.47
C GLU A 317 -9.37 19.30 23.96
N TYR A 318 -10.49 18.93 23.35
CA TYR A 318 -10.60 18.86 21.87
C TYR A 318 -10.39 20.25 21.29
N GLN A 319 -9.50 20.36 20.33
CA GLN A 319 -9.22 21.64 19.69
C GLN A 319 -9.54 21.50 18.21
N PRO A 320 -10.63 22.14 17.75
CA PRO A 320 -11.02 22.04 16.34
C PRO A 320 -10.03 22.77 15.44
N LEU A 321 -9.97 22.37 14.17
CA LEU A 321 -9.22 23.12 13.18
C LEU A 321 -9.61 24.60 13.19
N ALA A 322 -8.61 25.48 13.22
CA ALA A 322 -8.82 26.93 13.22
C ALA A 322 -7.63 27.56 12.53
N THR A 323 -7.69 27.54 11.19
CA THR A 323 -6.60 28.01 10.35
C THR A 323 -7.10 29.12 9.40
N SER A 324 -6.36 29.40 8.32
CA SER A 324 -6.78 30.41 7.36
C SER A 324 -6.63 29.87 5.95
N LYS A 325 -7.16 30.61 4.97
CA LYS A 325 -6.96 30.25 3.57
C LYS A 325 -5.47 30.28 3.22
N ALA A 326 -4.80 31.37 3.60
CA ALA A 326 -3.39 31.54 3.25
C ALA A 326 -2.50 30.38 3.75
N MET A 327 -2.78 29.90 4.96
CA MET A 327 -2.02 28.80 5.57
C MET A 327 -2.35 27.49 4.86
N THR A 328 -3.63 27.27 4.60
CA THR A 328 -4.12 26.09 3.89
C THR A 328 -3.49 26.07 2.47
N ASP A 329 -3.41 27.24 1.83
CA ASP A 329 -2.82 27.37 0.50
C ASP A 329 -1.35 26.99 0.49
N VAL A 330 -0.60 27.44 1.50
CA VAL A 330 0.82 27.19 1.47
C VAL A 330 1.14 25.74 1.77
N MET A 331 0.40 25.15 2.70
CA MET A 331 0.55 23.74 3.03
C MET A 331 0.19 22.83 1.87
N THR A 332 -0.90 23.17 1.18
CA THR A 332 -1.31 22.50 -0.06
C THR A 332 -0.21 22.59 -1.12
N LYS A 333 0.33 23.80 -1.31
CA LYS A 333 1.43 24.05 -2.23
C LYS A 333 2.65 23.18 -1.92
N LEU A 334 3.03 23.11 -0.65
CA LEU A 334 4.18 22.29 -0.22
C LEU A 334 3.98 20.79 -0.50
N ALA A 335 2.72 20.35 -0.51
CA ALA A 335 2.38 18.97 -0.76
C ALA A 335 2.33 18.63 -2.26
N LEU A 336 1.86 19.58 -3.06
CA LEU A 336 1.56 19.36 -4.49
C LEU A 336 2.55 20.00 -5.49
N ASP A 337 3.44 20.87 -5.01
CA ASP A 337 4.46 21.53 -5.84
C ASP A 337 5.85 21.15 -5.39
N PRO A 338 6.48 20.15 -6.06
CA PRO A 338 7.83 19.68 -5.65
C PRO A 338 8.89 20.79 -5.65
N LYS A 339 8.76 21.73 -6.58
CA LYS A 339 9.72 22.82 -6.69
C LYS A 339 9.65 23.73 -5.46
N ALA A 340 8.43 24.21 -5.15
CA ALA A 340 8.15 24.99 -3.95
C ALA A 340 8.58 24.30 -2.65
N LEU A 341 8.44 22.98 -2.59
CA LEU A 341 8.92 22.23 -1.42
C LEU A 341 10.44 22.26 -1.33
N ALA A 342 11.10 21.97 -2.46
CA ALA A 342 12.57 22.04 -2.52
C ALA A 342 13.09 23.45 -2.12
N GLU A 343 12.41 24.50 -2.59
CA GLU A 343 12.69 25.89 -2.17
C GLU A 343 12.52 26.09 -0.66
N TYR A 344 11.41 25.62 -0.10
CA TYR A 344 11.17 25.74 1.34
C TYR A 344 12.23 25.01 2.19
N LYS A 345 12.56 23.78 1.79
CA LYS A 345 13.57 22.97 2.48
C LYS A 345 14.96 23.57 2.41
N ALA A 346 15.29 24.23 1.30
CA ALA A 346 16.57 24.89 1.15
C ALA A 346 16.72 26.10 2.08
N ASP A 347 15.60 26.77 2.41
CA ASP A 347 15.60 28.00 3.21
C ASP A 347 14.21 28.34 3.78
N HIS A 348 13.97 27.96 5.03
CA HIS A 348 12.70 28.19 5.70
C HIS A 348 12.33 29.67 5.87
N ARG A 349 13.31 30.52 6.21
CA ARG A 349 13.06 31.94 6.43
C ARG A 349 12.63 32.65 5.16
N ALA A 350 13.44 32.53 4.11
CA ALA A 350 13.19 33.18 2.83
C ALA A 350 11.88 32.74 2.21
N PHE A 351 11.60 31.44 2.27
CA PHE A 351 10.36 30.91 1.72
C PHE A 351 9.15 31.46 2.48
N ALA A 352 9.23 31.44 3.81
CA ALA A 352 8.09 31.83 4.64
C ALA A 352 7.79 33.32 4.50
N GLN A 353 8.85 34.10 4.29
CA GLN A 353 8.74 35.54 4.08
C GLN A 353 7.97 35.86 2.80
N SER A 354 8.16 35.04 1.77
CA SER A 354 7.52 35.20 0.45
C SER A 354 6.02 34.82 0.37
N VAL A 355 5.54 34.04 1.33
CA VAL A 355 4.16 33.52 1.27
C VAL A 355 3.11 34.62 1.46
N PRO A 356 2.16 34.76 0.51
CA PRO A 356 1.11 35.77 0.70
C PRO A 356 0.20 35.54 1.92
N ASP A 357 -0.17 36.65 2.57
CA ASP A 357 -1.31 36.75 3.47
C ASP A 357 -1.17 36.02 4.80
N LEU A 358 0.04 35.56 5.09
CA LEU A 358 0.29 34.84 6.34
C LEU A 358 0.23 35.77 7.56
N THR A 359 -0.45 35.29 8.60
CA THR A 359 -0.45 35.89 9.93
C THR A 359 0.99 35.81 10.52
N PRO A 360 1.38 36.76 11.41
CA PRO A 360 2.76 36.66 11.89
C PRO A 360 3.07 35.35 12.65
N GLN A 361 2.08 34.83 13.36
CA GLN A 361 2.16 33.50 13.98
C GLN A 361 2.32 32.37 12.92
N GLU A 362 1.53 32.42 11.84
CA GLU A 362 1.65 31.49 10.70
C GLU A 362 3.05 31.55 10.09
N ARG A 363 3.51 32.77 9.79
CA ARG A 363 4.87 33.04 9.28
C ARG A 363 5.95 32.37 10.10
N ALA A 364 5.99 32.72 11.39
CA ALA A 364 7.01 32.23 12.32
C ALA A 364 6.97 30.72 12.45
N ALA A 365 5.76 30.16 12.56
CA ALA A 365 5.54 28.69 12.53
C ALA A 365 6.18 28.05 11.28
N LEU A 366 5.84 28.57 10.10
CA LEU A 366 6.49 28.12 8.87
C LEU A 366 8.02 28.30 8.89
N GLU A 367 8.47 29.41 9.45
CA GLU A 367 9.92 29.68 9.61
C GLU A 367 10.61 28.64 10.47
N LEU A 368 9.95 28.25 11.56
CA LEU A 368 10.47 27.27 12.48
C LEU A 368 10.47 25.87 11.85
N GLY A 369 9.36 25.51 11.23
CA GLY A 369 9.26 24.29 10.46
C GLY A 369 8.85 23.11 11.30
N ASP A 370 8.78 23.34 12.62
CA ASP A 370 8.51 22.29 13.59
C ASP A 370 7.06 21.88 13.46
N SER A 371 6.84 20.58 13.55
CA SER A 371 5.51 20.03 13.50
C SER A 371 4.58 20.61 14.60
N TRP A 372 5.08 20.72 15.83
CA TRP A 372 4.33 21.33 16.93
C TRP A 372 3.87 22.75 16.57
N ALA A 373 4.78 23.57 16.07
CA ALA A 373 4.51 24.97 15.77
C ALA A 373 3.42 25.13 14.72
N ILE A 374 3.54 24.33 13.65
CA ILE A 374 2.63 24.38 12.51
C ILE A 374 1.22 23.90 12.92
N ARG A 375 1.15 22.76 13.61
CA ARG A 375 -0.09 22.26 14.18
C ARG A 375 -0.75 23.27 15.12
N CYS A 376 0.05 23.92 15.97
CA CYS A 376 -0.47 24.97 16.88
C CYS A 376 -1.04 26.17 16.11
N ALA A 377 -0.27 26.70 15.16
CA ALA A 377 -0.74 27.77 14.26
C ALA A 377 -2.04 27.46 13.52
N MET A 378 -2.25 26.19 13.19
CA MET A 378 -3.43 25.79 12.44
C MET A 378 -4.64 25.52 13.34
N LYS A 379 -4.44 25.63 14.65
CA LYS A 379 -5.54 25.43 15.60
C LYS A 379 -5.83 26.67 16.44
N ASN A 380 -5.14 27.76 16.14
CA ASN A 380 -5.15 28.97 16.97
C ASN A 380 -5.46 30.26 16.18
N MET A 381 -5.96 30.13 14.97
CA MET A 381 -6.31 31.29 14.17
C MET A 381 -7.80 31.59 14.44
N PRO A 382 -8.07 32.70 15.18
CA PRO A 382 -9.46 32.96 15.60
C PRO A 382 -10.36 33.35 14.42
N SER A 383 -11.58 32.82 14.41
CA SER A 383 -12.50 33.00 13.27
C SER A 383 -13.77 33.76 13.64
N SER A 384 -14.04 33.90 14.93
CA SER A 384 -15.15 34.71 15.42
C SER A 384 -14.67 35.71 16.47
N LEU A 385 -15.48 36.73 16.71
CA LEU A 385 -15.21 37.71 17.77
C LEU A 385 -14.91 37.06 19.12
N LEU A 386 -15.76 36.09 19.49
CA LEU A 386 -15.66 35.32 20.73
C LEU A 386 -14.27 34.70 20.91
N GLU A 387 -13.78 34.06 19.85
CA GLU A 387 -12.49 33.39 19.85
C GLU A 387 -11.32 34.37 19.81
N ALA A 388 -11.49 35.53 19.18
CA ALA A 388 -10.43 36.54 19.11
C ALA A 388 -10.36 37.41 20.37
N ALA A 389 -11.42 37.39 21.17
CA ALA A 389 -11.58 38.28 22.34
C ALA A 389 -10.55 38.01 23.43
N SER A 415 4.92 -9.06 -14.01
CA SER A 415 5.70 -9.61 -12.92
C SER A 415 7.02 -8.84 -12.79
N VAL A 417 9.22 -8.94 -9.99
CA VAL A 417 10.12 -9.56 -9.01
C VAL A 417 10.34 -11.06 -9.33
N SER A 418 11.43 -11.61 -8.85
CA SER A 418 11.76 -13.03 -9.02
C SER A 418 12.49 -13.54 -7.77
N SER A 419 12.27 -14.80 -7.40
CA SER A 419 12.84 -15.39 -6.19
C SER A 419 14.30 -15.82 -6.33
N ALA A 420 14.71 -16.14 -7.56
CA ALA A 420 16.04 -16.73 -7.90
C ALA A 420 17.25 -16.11 -7.20
#